data_7DWO
#
_entry.id   7DWO
#
_cell.length_a   74.863
_cell.length_b   180.223
_cell.length_c   51.657
_cell.angle_alpha   90.000
_cell.angle_beta   90.000
_cell.angle_gamma   90.000
#
_symmetry.space_group_name_H-M   'P 21 21 2'
#
loop_
_entity.id
_entity.type
_entity.pdbx_description
1 polymer 'Predicted DNA-binding transcriptional regulator'
2 water water
#
_entity_poly.entity_id   1
_entity_poly.type   'polypeptide(L)'
_entity_poly.pdbx_seq_one_letter_code
;MNVESKWLEDFLVLAKVKNFSQAAELRNVTQPAFSRRIRLLEDTVGAELVDRKSKPIELTPSGKLFRITARTLVNQIEAG
ISQISDLSQLGGNVVQVAAAHSLATSLIPKMQQAFDEGDYKPILSVEAIDVDEATKELREGACDILLAFDDDILRLPPYQ
SQLIAKTELLPVSACDEMGKPIYDFISQGAVPWLTYSSTSYIGRQVEIIREQVALTPIFSSSMTDMLKILVLNKQGIAWL
PAYSIQEELAQKKVAIIGEQSLRLPIEYYAYRYQARLHPAGEKVWSILCNLDT
;
_entity_poly.pdbx_strand_id   A,B
#
# COMPACT_ATOMS: atom_id res chain seq x y z
N MET A 1 -29.65 -22.14 -10.05
CA MET A 1 -29.22 -23.40 -9.47
C MET A 1 -28.82 -23.20 -8.01
N ASN A 2 -28.38 -24.28 -7.38
CA ASN A 2 -27.94 -24.22 -5.99
C ASN A 2 -26.68 -25.04 -5.85
N VAL A 3 -25.54 -24.36 -5.71
CA VAL A 3 -24.24 -25.01 -5.57
C VAL A 3 -23.86 -25.01 -4.09
N GLU A 4 -23.29 -26.11 -3.63
CA GLU A 4 -22.82 -26.25 -2.26
C GLU A 4 -21.31 -26.41 -2.26
N SER A 5 -20.62 -25.62 -1.43
CA SER A 5 -19.17 -25.66 -1.38
C SER A 5 -18.65 -27.01 -0.88
N LYS A 6 -19.50 -27.79 -0.19
CA LYS A 6 -19.17 -29.19 0.07
C LYS A 6 -18.73 -29.89 -1.20
N TRP A 7 -19.55 -29.80 -2.24
CA TRP A 7 -19.24 -30.44 -3.51
C TRP A 7 -17.99 -29.87 -4.14
N LEU A 8 -17.73 -28.58 -3.92
CA LEU A 8 -16.51 -27.97 -4.47
C LEU A 8 -15.27 -28.55 -3.83
N GLU A 9 -15.27 -28.66 -2.49
CA GLU A 9 -14.16 -29.30 -1.80
C GLU A 9 -14.00 -30.75 -2.23
N ASP A 10 -15.13 -31.46 -2.39
CA ASP A 10 -15.09 -32.83 -2.87
C ASP A 10 -14.39 -32.92 -4.22
N PHE A 11 -14.79 -32.05 -5.15
CA PHE A 11 -14.23 -32.09 -6.49
C PHE A 11 -12.75 -31.73 -6.49
N LEU A 12 -12.35 -30.76 -5.66
CA LEU A 12 -10.95 -30.40 -5.56
C LEU A 12 -10.11 -31.58 -5.04
N VAL A 13 -10.59 -32.22 -3.97
CA VAL A 13 -9.87 -33.36 -3.41
C VAL A 13 -9.78 -34.50 -4.42
N LEU A 14 -10.88 -34.72 -5.16
CA LEU A 14 -10.88 -35.80 -6.16
C LEU A 14 -9.92 -35.50 -7.30
N ALA A 15 -9.92 -34.27 -7.80
CA ALA A 15 -8.97 -33.90 -8.85
C ALA A 15 -7.53 -33.96 -8.35
N LYS A 16 -7.33 -33.79 -7.04
CA LYS A 16 -5.98 -33.89 -6.49
C LYS A 16 -5.52 -35.34 -6.41
N VAL A 17 -6.28 -36.19 -5.72
CA VAL A 17 -5.81 -37.55 -5.45
C VAL A 17 -6.09 -38.50 -6.60
N LYS A 18 -6.96 -38.14 -7.54
CA LYS A 18 -7.26 -38.97 -8.72
C LYS A 18 -7.80 -40.34 -8.30
N ASN A 19 -8.57 -40.38 -7.21
CA ASN A 19 -9.08 -41.65 -6.69
C ASN A 19 -10.31 -41.36 -5.84
N PHE A 20 -11.41 -42.07 -6.14
CA PHE A 20 -12.65 -41.85 -5.40
C PHE A 20 -12.54 -42.32 -3.96
N SER A 21 -11.84 -43.44 -3.72
CA SER A 21 -11.72 -43.96 -2.37
C SER A 21 -10.87 -43.04 -1.50
N GLN A 22 -9.71 -42.64 -2.00
CA GLN A 22 -8.84 -41.75 -1.24
C GLN A 22 -9.51 -40.40 -1.00
N ALA A 23 -10.19 -39.86 -2.01
CA ALA A 23 -10.88 -38.59 -1.84
C ALA A 23 -12.02 -38.70 -0.83
N ALA A 24 -12.76 -39.82 -0.86
CA ALA A 24 -13.82 -40.03 0.11
C ALA A 24 -13.26 -40.11 1.52
N GLU A 25 -12.12 -40.79 1.68
CA GLU A 25 -11.51 -40.90 3.01
C GLU A 25 -11.02 -39.54 3.50
N LEU A 26 -10.41 -38.74 2.61
CA LEU A 26 -9.94 -37.43 3.00
C LEU A 26 -11.08 -36.47 3.32
N ARG A 27 -12.30 -36.77 2.86
CA ARG A 27 -13.46 -35.93 3.13
C ARG A 27 -14.31 -36.45 4.28
N ASN A 28 -13.86 -37.49 4.98
CA ASN A 28 -14.55 -38.03 6.15
C ASN A 28 -15.97 -38.48 5.82
N VAL A 29 -16.15 -39.04 4.62
CA VAL A 29 -17.43 -39.58 4.20
C VAL A 29 -17.19 -40.94 3.54
N THR A 30 -18.27 -41.71 3.45
CA THR A 30 -18.17 -43.01 2.78
C THR A 30 -18.03 -42.83 1.27
N GLN A 31 -17.45 -43.83 0.63
CA GLN A 31 -17.24 -43.78 -0.81
C GLN A 31 -18.54 -43.59 -1.58
N PRO A 32 -19.64 -44.31 -1.28
CA PRO A 32 -20.90 -44.02 -1.98
C PRO A 32 -21.40 -42.60 -1.75
N ALA A 33 -21.25 -42.08 -0.53
CA ALA A 33 -21.70 -40.72 -0.26
C ALA A 33 -20.88 -39.71 -1.04
N PHE A 34 -19.56 -39.92 -1.12
CA PHE A 34 -18.71 -39.04 -1.91
C PHE A 34 -19.08 -39.10 -3.39
N SER A 35 -19.33 -40.31 -3.91
CA SER A 35 -19.75 -40.44 -5.30
C SER A 35 -21.07 -39.72 -5.54
N ARG A 36 -22.00 -39.83 -4.59
CA ARG A 36 -23.29 -39.14 -4.73
C ARG A 36 -23.11 -37.64 -4.73
N ARG A 37 -22.22 -37.12 -3.89
CA ARG A 37 -21.98 -35.68 -3.86
C ARG A 37 -21.33 -35.21 -5.16
N ILE A 38 -20.39 -35.99 -5.71
CA ILE A 38 -19.75 -35.62 -6.97
C ILE A 38 -20.78 -35.60 -8.10
N ARG A 39 -21.63 -36.63 -8.16
CA ARG A 39 -22.66 -36.67 -9.20
C ARG A 39 -23.68 -35.56 -9.01
N LEU A 40 -23.98 -35.19 -7.76
CA LEU A 40 -24.88 -34.07 -7.52
C LEU A 40 -24.29 -32.77 -8.04
N LEU A 41 -23.00 -32.53 -7.78
CA LEU A 41 -22.35 -31.36 -8.35
C LEU A 41 -22.39 -31.38 -9.86
N GLU A 42 -22.14 -32.55 -10.46
CA GLU A 42 -22.16 -32.66 -11.92
C GLU A 42 -23.54 -32.36 -12.48
N ASP A 43 -24.59 -32.87 -11.84
CA ASP A 43 -25.94 -32.62 -12.32
C ASP A 43 -26.34 -31.17 -12.13
N THR A 44 -25.94 -30.57 -11.01
CA THR A 44 -26.21 -29.16 -10.76
C THR A 44 -25.56 -28.28 -11.82
N VAL A 45 -24.24 -28.40 -11.98
CA VAL A 45 -23.53 -27.58 -12.96
C VAL A 45 -23.91 -27.95 -14.38
N GLY A 46 -24.48 -29.13 -14.59
CA GLY A 46 -24.82 -29.57 -15.93
C GLY A 46 -23.62 -30.02 -16.74
N ALA A 47 -22.63 -30.63 -16.12
CA ALA A 47 -21.39 -31.00 -16.79
C ALA A 47 -20.82 -32.25 -16.15
N GLU A 48 -20.33 -33.16 -16.98
CA GLU A 48 -19.51 -34.25 -16.48
C GLU A 48 -18.12 -33.71 -16.17
N LEU A 49 -17.72 -33.78 -14.89
CA LEU A 49 -16.47 -33.18 -14.45
C LEU A 49 -15.29 -34.14 -14.46
N VAL A 50 -15.53 -35.43 -14.23
CA VAL A 50 -14.45 -36.41 -14.16
C VAL A 50 -14.73 -37.53 -15.14
N ASP A 51 -13.67 -38.19 -15.58
CA ASP A 51 -13.75 -39.35 -16.47
C ASP A 51 -13.55 -40.60 -15.60
N ARG A 52 -14.65 -41.30 -15.33
CA ARG A 52 -14.61 -42.52 -14.53
C ARG A 52 -14.15 -43.73 -15.33
N LYS A 53 -14.08 -43.63 -16.66
CA LYS A 53 -13.69 -44.75 -17.50
C LYS A 53 -12.17 -44.98 -17.52
N SER A 54 -11.40 -44.17 -16.79
CA SER A 54 -9.94 -44.28 -16.79
C SER A 54 -9.43 -44.43 -15.37
N LYS A 55 -8.25 -45.04 -15.26
CA LYS A 55 -7.56 -45.20 -13.98
C LYS A 55 -6.14 -44.69 -14.16
N PRO A 56 -5.71 -43.65 -13.42
CA PRO A 56 -6.49 -42.94 -12.41
C PRO A 56 -7.53 -41.99 -13.00
N ILE A 57 -8.45 -41.51 -12.16
CA ILE A 57 -9.53 -40.65 -12.63
C ILE A 57 -8.96 -39.30 -13.02
N GLU A 58 -9.07 -38.97 -14.31
CA GLU A 58 -8.67 -37.67 -14.82
C GLU A 58 -9.88 -36.74 -14.87
N LEU A 59 -9.65 -35.51 -15.30
CA LEU A 59 -10.70 -34.52 -15.45
C LEU A 59 -11.17 -34.42 -16.89
N THR A 60 -12.41 -33.98 -17.06
CA THR A 60 -12.95 -33.70 -18.38
C THR A 60 -12.51 -32.31 -18.81
N PRO A 61 -12.69 -31.95 -20.08
CA PRO A 61 -12.42 -30.56 -20.48
C PRO A 61 -13.17 -29.54 -19.66
N SER A 62 -14.45 -29.81 -19.35
CA SER A 62 -15.17 -28.93 -18.43
C SER A 62 -14.59 -29.00 -17.02
N GLY A 63 -14.13 -30.19 -16.61
CA GLY A 63 -13.61 -30.35 -15.26
C GLY A 63 -12.35 -29.55 -15.01
N LYS A 64 -11.49 -29.43 -16.03
CA LYS A 64 -10.25 -28.69 -15.86
C LYS A 64 -10.50 -27.21 -15.57
N LEU A 65 -11.48 -26.62 -16.24
CA LEU A 65 -11.83 -25.22 -15.99
C LEU A 65 -12.62 -25.07 -14.69
N PHE A 66 -13.53 -26.01 -14.43
CA PHE A 66 -14.33 -25.89 -13.22
C PHE A 66 -13.49 -26.15 -11.97
N ARG A 67 -12.34 -26.81 -12.09
CA ARG A 67 -11.44 -26.92 -10.95
C ARG A 67 -10.93 -25.56 -10.52
N ILE A 68 -10.49 -24.76 -11.48
CA ILE A 68 -10.08 -23.38 -11.19
C ILE A 68 -11.24 -22.59 -10.63
N THR A 69 -12.42 -22.73 -11.24
CA THR A 69 -13.60 -22.01 -10.76
C THR A 69 -13.89 -22.36 -9.30
N ALA A 70 -13.86 -23.65 -8.97
CA ALA A 70 -14.20 -24.10 -7.62
C ALA A 70 -13.14 -23.69 -6.61
N ARG A 71 -11.86 -23.74 -6.99
CA ARG A 71 -10.82 -23.27 -6.10
C ARG A 71 -10.99 -21.79 -5.79
N THR A 72 -11.28 -20.99 -6.81
CA THR A 72 -11.55 -19.57 -6.59
C THR A 72 -12.73 -19.37 -5.67
N LEU A 73 -13.82 -20.12 -5.89
CA LEU A 73 -15.01 -19.99 -5.05
C LEU A 73 -14.71 -20.33 -3.60
N VAL A 74 -13.98 -21.42 -3.37
CA VAL A 74 -13.65 -21.84 -2.01
C VAL A 74 -12.77 -20.80 -1.33
N ASN A 75 -11.76 -20.29 -2.04
CA ASN A 75 -10.90 -19.26 -1.45
C ASN A 75 -11.70 -18.02 -1.09
N GLN A 76 -12.62 -17.61 -1.96
CA GLN A 76 -13.42 -16.42 -1.69
C GLN A 76 -14.35 -16.64 -0.50
N ILE A 77 -14.94 -17.82 -0.39
CA ILE A 77 -15.79 -18.14 0.76
C ILE A 77 -14.99 -18.05 2.06
N GLU A 78 -13.84 -18.71 2.08
CA GLU A 78 -13.00 -18.68 3.29
C GLU A 78 -12.61 -17.26 3.65
N ALA A 79 -12.19 -16.46 2.65
CA ALA A 79 -11.79 -15.08 2.92
C ALA A 79 -12.95 -14.27 3.48
N GLY A 80 -14.15 -14.41 2.88
CA GLY A 80 -15.29 -13.66 3.36
C GLY A 80 -15.67 -14.02 4.78
N ILE A 81 -15.64 -15.31 5.12
CA ILE A 81 -16.00 -15.72 6.47
C ILE A 81 -14.97 -15.22 7.47
N SER A 82 -13.68 -15.34 7.13
CA SER A 82 -12.63 -14.86 8.02
C SER A 82 -12.73 -13.35 8.23
N GLN A 83 -13.13 -12.62 7.17
CA GLN A 83 -13.38 -11.19 7.34
C GLN A 83 -14.51 -10.95 8.31
N ILE A 84 -15.61 -11.69 8.16
CA ILE A 84 -16.79 -11.46 8.99
C ILE A 84 -16.55 -11.81 10.45
N SER A 85 -15.64 -12.74 10.75
CA SER A 85 -15.33 -13.06 12.14
C SER A 85 -14.88 -11.81 12.89
N ASP A 86 -13.95 -11.06 12.30
CA ASP A 86 -13.43 -9.88 12.97
C ASP A 86 -14.50 -8.81 13.11
N LEU A 87 -15.18 -8.49 12.01
CA LEU A 87 -16.10 -7.36 12.02
C LEU A 87 -17.27 -7.60 12.96
N SER A 88 -17.64 -8.87 13.19
CA SER A 88 -18.73 -9.16 14.11
C SER A 88 -18.30 -8.92 15.55
N GLN A 89 -17.04 -9.22 15.88
CA GLN A 89 -16.57 -9.06 17.24
C GLN A 89 -16.69 -7.63 17.74
N LEU A 90 -16.52 -6.65 16.86
CA LEU A 90 -16.50 -5.26 17.28
C LEU A 90 -17.88 -4.80 17.71
N GLY A 91 -18.91 -5.05 16.89
CA GLY A 91 -20.27 -4.72 17.22
C GLY A 91 -20.96 -4.01 16.07
N GLY A 92 -22.16 -3.53 16.34
CA GLY A 92 -22.95 -2.82 15.34
C GLY A 92 -22.56 -1.38 15.13
N ASN A 93 -21.77 -0.80 16.03
CA ASN A 93 -21.32 0.58 15.92
C ASN A 93 -19.93 0.70 15.30
N VAL A 94 -19.45 -0.36 14.65
CA VAL A 94 -18.13 -0.30 14.01
C VAL A 94 -18.23 0.55 12.76
N VAL A 95 -17.25 1.44 12.60
CA VAL A 95 -17.12 2.29 11.43
C VAL A 95 -15.79 1.96 10.76
N GLN A 96 -15.85 1.49 9.52
CA GLN A 96 -14.67 1.11 8.77
C GLN A 96 -14.13 2.34 8.03
N VAL A 97 -12.89 2.71 8.33
CA VAL A 97 -12.27 3.91 7.79
C VAL A 97 -10.96 3.52 7.11
N ALA A 98 -10.86 3.80 5.81
CA ALA A 98 -9.60 3.71 5.09
C ALA A 98 -8.96 5.09 5.09
N ALA A 99 -7.71 5.16 5.52
CA ALA A 99 -7.07 6.45 5.76
C ALA A 99 -5.62 6.41 5.30
N ALA A 100 -5.15 7.55 4.78
CA ALA A 100 -3.71 7.72 4.57
C ALA A 100 -3.01 7.65 5.93
N HIS A 101 -1.84 7.00 5.93
CA HIS A 101 -1.17 6.67 7.19
C HIS A 101 -0.96 7.91 8.05
N SER A 102 -0.41 8.98 7.45
CA SER A 102 -0.17 10.21 8.19
C SER A 102 -1.47 10.81 8.70
N LEU A 103 -2.46 10.90 7.83
CA LEU A 103 -3.76 11.43 8.23
C LEU A 103 -4.36 10.60 9.35
N ALA A 104 -4.25 9.28 9.25
CA ALA A 104 -4.77 8.40 10.29
C ALA A 104 -4.12 8.70 11.62
N THR A 105 -2.79 8.60 11.68
CA THR A 105 -2.06 8.81 12.92
C THR A 105 -2.27 10.22 13.47
N SER A 106 -2.58 11.18 12.60
CA SER A 106 -2.76 12.56 13.07
C SER A 106 -4.17 12.82 13.58
N LEU A 107 -5.19 12.26 12.92
CA LEU A 107 -6.58 12.62 13.16
C LEU A 107 -7.32 11.65 14.06
N ILE A 108 -7.08 10.36 13.93
CA ILE A 108 -7.89 9.36 14.63
C ILE A 108 -7.75 9.45 16.15
N PRO A 109 -6.57 9.71 16.72
CA PRO A 109 -6.52 9.97 18.17
C PRO A 109 -7.38 11.14 18.60
N LYS A 110 -7.53 12.16 17.75
CA LYS A 110 -8.42 13.27 18.07
C LYS A 110 -9.88 12.84 17.96
N MET A 111 -10.21 12.03 16.96
CA MET A 111 -11.60 11.57 16.80
C MET A 111 -12.01 10.65 17.94
N GLN A 112 -11.09 9.84 18.45
CA GLN A 112 -11.42 8.86 19.48
C GLN A 112 -11.84 9.54 20.79
N GLN A 113 -11.09 10.57 21.20
CA GLN A 113 -11.44 11.28 22.42
C GLN A 113 -12.63 12.21 22.24
N ALA A 114 -13.00 12.52 21.00
CA ALA A 114 -14.19 13.32 20.74
C ALA A 114 -15.47 12.50 20.73
N PHE A 115 -15.37 11.17 20.80
CA PHE A 115 -16.54 10.32 20.83
C PHE A 115 -17.29 10.50 22.14
N ASP A 116 -18.59 10.78 22.05
CA ASP A 116 -19.44 10.80 23.23
C ASP A 116 -19.71 9.38 23.71
N GLU A 117 -20.28 9.27 24.89
CA GLU A 117 -20.62 7.97 25.46
C GLU A 117 -22.03 7.56 25.05
N GLY A 118 -22.36 6.31 25.35
CA GLY A 118 -23.63 5.73 24.95
C GLY A 118 -23.43 4.57 23.99
N ASP A 119 -24.46 3.75 23.81
CA ASP A 119 -24.36 2.58 22.94
C ASP A 119 -24.46 2.93 21.46
N TYR A 120 -24.31 4.21 21.11
CA TYR A 120 -24.13 4.64 19.73
C TYR A 120 -22.72 5.15 19.48
N LYS A 121 -21.83 5.00 20.46
CA LYS A 121 -20.45 5.44 20.29
C LYS A 121 -19.75 4.55 19.27
N PRO A 122 -19.02 5.14 18.31
CA PRO A 122 -18.42 4.33 17.25
C PRO A 122 -17.17 3.58 17.71
N ILE A 123 -16.96 2.44 17.08
CA ILE A 123 -15.73 1.66 17.22
C ILE A 123 -15.02 1.73 15.88
N LEU A 124 -13.87 2.41 15.84
CA LEU A 124 -13.17 2.64 14.59
C LEU A 124 -12.39 1.40 14.17
N SER A 125 -12.50 1.04 12.90
CA SER A 125 -11.67 0.00 12.28
C SER A 125 -10.93 0.67 11.14
N VAL A 126 -9.67 1.05 11.37
CA VAL A 126 -8.92 1.89 10.46
C VAL A 126 -7.88 1.06 9.74
N GLU A 127 -7.81 1.22 8.42
CA GLU A 127 -6.82 0.53 7.61
C GLU A 127 -6.21 1.51 6.61
N ALA A 128 -4.96 1.25 6.23
CA ALA A 128 -4.28 2.09 5.25
C ALA A 128 -4.95 2.02 3.89
N ILE A 129 -4.93 3.14 3.18
CA ILE A 129 -5.65 3.25 1.92
C ILE A 129 -4.97 2.40 0.86
N ASP A 130 -5.77 1.63 0.12
CA ASP A 130 -5.36 1.05 -1.15
C ASP A 130 -5.72 2.08 -2.21
N VAL A 131 -4.73 2.89 -2.62
CA VAL A 131 -5.01 4.07 -3.44
C VAL A 131 -5.62 3.67 -4.78
N ASP A 132 -5.14 2.57 -5.37
CA ASP A 132 -5.69 2.05 -6.61
C ASP A 132 -7.05 1.40 -6.43
N GLU A 133 -7.53 1.24 -5.18
CA GLU A 133 -8.76 0.52 -4.93
C GLU A 133 -9.67 1.13 -3.89
N ALA A 134 -9.27 2.23 -3.24
CA ALA A 134 -10.10 2.78 -2.17
C ALA A 134 -11.41 3.34 -2.71
N THR A 135 -11.40 3.91 -3.91
CA THR A 135 -12.64 4.37 -4.52
C THR A 135 -13.62 3.23 -4.73
N LYS A 136 -13.12 2.11 -5.24
CA LYS A 136 -13.98 0.94 -5.43
C LYS A 136 -14.48 0.39 -4.11
N GLU A 137 -13.62 0.40 -3.09
CA GLU A 137 -14.05 -0.07 -1.78
C GLU A 137 -15.13 0.83 -1.21
N LEU A 138 -15.00 2.14 -1.40
CA LEU A 138 -16.01 3.06 -0.91
C LEU A 138 -17.33 2.86 -1.65
N ARG A 139 -17.27 2.60 -2.95
CA ARG A 139 -18.50 2.37 -3.70
C ARG A 139 -19.16 1.05 -3.34
N GLU A 140 -18.35 0.03 -3.06
CA GLU A 140 -18.90 -1.28 -2.73
C GLU A 140 -19.41 -1.39 -1.31
N GLY A 141 -18.93 -0.54 -0.40
CA GLY A 141 -19.24 -0.65 1.00
C GLY A 141 -18.18 -1.33 1.85
N ALA A 142 -17.00 -1.60 1.29
CA ALA A 142 -15.92 -2.21 2.05
C ALA A 142 -15.40 -1.28 3.14
N CYS A 143 -15.57 0.04 2.97
CA CYS A 143 -15.28 1.01 4.00
C CYS A 143 -16.33 2.11 3.95
N ASP A 144 -16.61 2.70 5.12
CA ASP A 144 -17.63 3.72 5.25
C ASP A 144 -17.11 5.11 4.90
N ILE A 145 -15.97 5.49 5.47
CA ILE A 145 -15.40 6.82 5.27
C ILE A 145 -13.95 6.66 4.84
N LEU A 146 -13.48 7.61 4.03
CA LEU A 146 -12.15 7.59 3.44
C LEU A 146 -11.42 8.87 3.82
N LEU A 147 -10.40 8.76 4.67
CA LEU A 147 -9.59 9.92 5.06
C LEU A 147 -8.43 10.01 4.09
N ALA A 148 -8.51 10.92 3.12
CA ALA A 148 -7.51 10.95 2.06
C ALA A 148 -7.14 12.40 1.78
N PHE A 149 -6.24 12.58 0.81
CA PHE A 149 -5.83 13.91 0.40
C PHE A 149 -6.76 14.40 -0.72
N ASP A 150 -6.40 15.54 -1.33
CA ASP A 150 -7.19 16.09 -2.42
C ASP A 150 -7.14 15.16 -3.62
N ASP A 151 -8.30 14.80 -4.14
CA ASP A 151 -8.42 13.89 -5.27
C ASP A 151 -9.55 14.37 -6.17
N ASP A 152 -9.26 14.50 -7.47
CA ASP A 152 -10.25 15.07 -8.39
C ASP A 152 -11.46 14.16 -8.57
N ILE A 153 -11.29 12.85 -8.42
CA ILE A 153 -12.42 11.94 -8.58
C ILE A 153 -13.24 11.86 -7.30
N LEU A 154 -12.58 11.69 -6.16
CA LEU A 154 -13.29 11.47 -4.91
C LEU A 154 -13.97 12.74 -4.40
N ARG A 155 -13.42 13.92 -4.73
CA ARG A 155 -14.01 15.16 -4.25
C ARG A 155 -15.34 15.46 -4.92
N LEU A 156 -15.50 15.04 -6.17
CA LEU A 156 -16.69 15.32 -6.96
C LEU A 156 -17.72 14.20 -6.81
N PRO A 157 -18.96 14.45 -7.19
CA PRO A 157 -19.96 13.37 -7.26
C PRO A 157 -19.46 12.22 -8.12
N PRO A 158 -19.96 11.00 -7.90
CA PRO A 158 -21.05 10.61 -7.00
C PRO A 158 -20.64 10.43 -5.54
N TYR A 159 -19.53 11.04 -5.14
CA TYR A 159 -19.04 10.94 -3.78
C TYR A 159 -19.28 12.26 -3.05
N GLN A 160 -19.48 12.16 -1.73
CA GLN A 160 -19.60 13.33 -0.87
C GLN A 160 -18.23 13.63 -0.26
N SER A 161 -17.82 14.89 -0.33
CA SER A 161 -16.52 15.29 0.18
C SER A 161 -16.69 16.42 1.17
N GLN A 162 -15.77 16.46 2.15
CA GLN A 162 -15.73 17.53 3.14
C GLN A 162 -14.27 17.89 3.36
N LEU A 163 -13.90 19.13 3.02
CA LEU A 163 -12.54 19.60 3.28
C LEU A 163 -12.27 19.58 4.78
N ILE A 164 -11.51 18.59 5.24
CA ILE A 164 -11.16 18.55 6.66
C ILE A 164 -10.16 19.65 6.99
N ALA A 165 -9.08 19.74 6.24
CA ALA A 165 -8.11 20.79 6.54
C ALA A 165 -7.27 21.13 5.33
N LYS A 166 -6.63 22.30 5.41
CA LYS A 166 -5.75 22.83 4.37
C LYS A 166 -4.46 23.26 5.06
N THR A 167 -3.44 22.40 5.00
CA THR A 167 -2.16 22.67 5.62
C THR A 167 -1.09 22.77 4.54
N GLU A 168 0.16 22.50 4.93
CA GLU A 168 1.27 22.67 3.99
C GLU A 168 2.41 21.73 4.32
N LEU A 169 3.07 21.27 3.26
CA LEU A 169 4.31 20.52 3.34
C LEU A 169 5.47 21.49 3.53
N LEU A 170 6.30 21.19 4.53
CA LEU A 170 7.45 22.02 4.89
C LEU A 170 8.74 21.28 4.58
N PRO A 171 9.66 21.90 3.83
CA PRO A 171 10.99 21.30 3.68
C PRO A 171 11.80 21.50 4.96
N VAL A 172 12.12 20.38 5.62
CA VAL A 172 12.76 20.43 6.93
C VAL A 172 14.03 19.60 6.91
N SER A 173 14.92 19.93 7.85
CA SER A 173 16.13 19.16 8.11
C SER A 173 16.36 19.10 9.62
N ALA A 174 17.11 18.09 10.05
CA ALA A 174 17.42 17.93 11.45
C ALA A 174 18.33 19.06 11.94
N CYS A 175 18.35 19.25 13.26
CA CYS A 175 19.15 20.29 13.89
C CYS A 175 20.21 19.66 14.79
N ASP A 176 21.24 20.44 15.08
CA ASP A 176 22.23 20.05 16.08
C ASP A 176 21.69 20.36 17.48
N GLU A 177 22.53 20.14 18.49
CA GLU A 177 22.10 20.36 19.87
C GLU A 177 21.84 21.84 20.16
N MET A 178 22.35 22.73 19.32
CA MET A 178 22.11 24.16 19.48
C MET A 178 20.88 24.65 18.74
N GLY A 179 20.27 23.81 17.90
CA GLY A 179 19.08 24.18 17.18
C GLY A 179 19.29 24.67 15.75
N LYS A 180 20.50 24.49 15.20
CA LYS A 180 20.79 24.98 13.85
C LYS A 180 20.53 23.90 12.83
N PRO A 181 19.85 24.21 11.72
CA PRO A 181 19.61 23.19 10.69
C PRO A 181 20.91 22.72 10.06
N ILE A 182 21.07 21.40 9.98
CA ILE A 182 22.31 20.83 9.45
C ILE A 182 22.40 21.04 7.95
N TYR A 183 21.33 20.76 7.23
CA TYR A 183 21.28 21.01 5.79
C TYR A 183 20.48 22.28 5.52
N ASP A 184 20.85 22.95 4.43
CA ASP A 184 20.17 24.18 4.03
C ASP A 184 20.26 24.30 2.51
N PHE A 185 19.49 25.24 1.97
CA PHE A 185 19.42 25.45 0.53
C PHE A 185 20.29 26.60 0.05
N ILE A 186 21.14 27.15 0.92
CA ILE A 186 22.07 28.21 0.49
C ILE A 186 23.46 27.60 0.37
N SER A 187 23.70 26.88 -0.73
CA SER A 187 24.99 26.31 -1.07
C SER A 187 24.92 25.65 -2.44
N GLN A 188 26.05 25.53 -3.14
CA GLN A 188 26.04 24.77 -4.38
C GLN A 188 25.91 23.28 -4.10
N GLY A 189 26.50 22.83 -3.00
CA GLY A 189 26.47 21.43 -2.61
C GLY A 189 25.07 20.85 -2.61
N ALA A 190 24.86 19.84 -3.45
CA ALA A 190 23.55 19.21 -3.55
C ALA A 190 23.17 18.56 -2.22
N VAL A 191 21.97 18.89 -1.74
CA VAL A 191 21.50 18.41 -0.45
C VAL A 191 20.99 16.98 -0.59
N PRO A 192 21.30 16.09 0.35
CA PRO A 192 20.66 14.77 0.35
C PRO A 192 19.16 14.91 0.53
N TRP A 193 18.41 14.25 -0.35
CA TRP A 193 16.97 14.45 -0.45
C TRP A 193 16.27 13.13 -0.18
N LEU A 194 15.35 13.13 0.78
CA LEU A 194 14.48 12.00 1.08
C LEU A 194 13.14 12.28 0.42
N THR A 195 12.87 11.60 -0.69
CA THR A 195 11.74 11.95 -1.55
C THR A 195 10.62 10.92 -1.41
N TYR A 196 9.42 11.36 -1.77
CA TYR A 196 8.29 10.47 -1.94
C TYR A 196 8.29 9.89 -3.35
N SER A 197 7.38 8.95 -3.58
CA SER A 197 7.11 8.52 -4.95
C SER A 197 6.48 9.67 -5.71
N SER A 198 7.03 9.99 -6.89
CA SER A 198 6.47 11.11 -7.64
C SER A 198 5.10 10.80 -8.22
N THR A 199 4.53 9.63 -7.96
CA THR A 199 3.17 9.32 -8.33
C THR A 199 2.18 9.52 -7.20
N SER A 200 2.64 9.59 -5.95
CA SER A 200 1.77 9.84 -4.82
C SER A 200 1.34 11.31 -4.79
N TYR A 201 0.35 11.59 -3.95
CA TYR A 201 -0.17 12.95 -3.84
C TYR A 201 0.91 13.93 -3.39
N ILE A 202 1.69 13.55 -2.38
CA ILE A 202 2.68 14.46 -1.82
C ILE A 202 3.84 14.66 -2.79
N GLY A 203 4.24 13.60 -3.50
CA GLY A 203 5.28 13.75 -4.50
C GLY A 203 4.87 14.69 -5.63
N ARG A 204 3.60 14.62 -6.03
CA ARG A 204 3.08 15.51 -7.07
C ARG A 204 3.01 16.96 -6.61
N GLN A 205 3.23 17.24 -5.33
CA GLN A 205 3.34 18.62 -4.87
C GLN A 205 4.79 19.09 -4.86
N VAL A 206 5.72 18.21 -4.49
CA VAL A 206 7.14 18.57 -4.53
C VAL A 206 7.64 18.67 -5.97
N GLU A 207 6.97 17.99 -6.92
CA GLU A 207 7.40 18.07 -8.31
C GLU A 207 7.24 19.47 -8.90
N ILE A 208 6.39 20.31 -8.31
CA ILE A 208 6.14 21.64 -8.88
C ILE A 208 7.22 22.65 -8.53
N ILE A 209 8.13 22.32 -7.62
CA ILE A 209 9.17 23.26 -7.21
C ILE A 209 10.52 22.56 -7.21
N ARG A 210 10.59 21.37 -7.81
CA ARG A 210 11.84 20.62 -7.82
C ARG A 210 12.88 21.30 -8.71
N GLU A 211 12.46 21.73 -9.90
CA GLU A 211 13.32 22.50 -10.80
C GLU A 211 13.66 23.89 -10.25
N GLN A 212 13.37 24.15 -8.97
CA GLN A 212 13.73 25.41 -8.33
C GLN A 212 14.88 25.27 -7.35
N VAL A 213 15.10 24.07 -6.80
CA VAL A 213 16.17 23.80 -5.84
C VAL A 213 16.99 22.62 -6.36
N ALA A 214 18.23 22.54 -5.90
CA ALA A 214 19.16 21.48 -6.29
C ALA A 214 19.20 20.42 -5.18
N LEU A 215 18.81 19.19 -5.52
CA LEU A 215 18.72 18.10 -4.56
C LEU A 215 19.20 16.82 -5.20
N THR A 216 19.78 15.94 -4.39
CA THR A 216 20.16 14.61 -4.85
C THR A 216 19.28 13.59 -4.16
N PRO A 217 18.37 12.91 -4.87
CA PRO A 217 17.51 11.90 -4.23
C PRO A 217 18.32 10.71 -3.75
N ILE A 218 18.52 10.60 -2.43
CA ILE A 218 19.31 9.50 -1.88
C ILE A 218 18.43 8.40 -1.29
N PHE A 219 17.14 8.65 -1.14
CA PHE A 219 16.22 7.70 -0.55
C PHE A 219 14.81 8.04 -1.00
N SER A 220 14.00 7.02 -1.24
CA SER A 220 12.62 7.19 -1.68
C SER A 220 11.70 6.32 -0.85
N SER A 221 10.53 6.86 -0.52
CA SER A 221 9.50 6.13 0.19
C SER A 221 8.23 6.94 0.21
N SER A 222 7.08 6.27 0.04
CA SER A 222 5.80 6.93 0.17
C SER A 222 5.36 7.09 1.61
N MET A 223 6.01 6.41 2.55
CA MET A 223 5.68 6.51 3.97
C MET A 223 6.34 7.76 4.54
N THR A 224 5.53 8.79 4.80
CA THR A 224 6.09 10.01 5.38
C THR A 224 6.66 9.76 6.77
N ASP A 225 6.18 8.72 7.46
CA ASP A 225 6.78 8.31 8.72
C ASP A 225 8.24 7.91 8.52
N MET A 226 8.51 7.14 7.47
CA MET A 226 9.87 6.71 7.17
C MET A 226 10.77 7.90 6.86
N LEU A 227 10.29 8.83 6.02
CA LEU A 227 11.07 10.01 5.69
C LEU A 227 11.33 10.86 6.91
N LYS A 228 10.35 10.99 7.79
CA LYS A 228 10.53 11.76 9.02
C LYS A 228 11.60 11.13 9.91
N ILE A 229 11.54 9.80 10.07
CA ILE A 229 12.55 9.11 10.86
C ILE A 229 13.94 9.33 10.27
N LEU A 230 14.07 9.23 8.95
CA LEU A 230 15.38 9.42 8.34
C LEU A 230 15.84 10.87 8.41
N VAL A 231 14.90 11.83 8.45
CA VAL A 231 15.27 13.22 8.68
C VAL A 231 15.85 13.39 10.06
N LEU A 232 15.17 12.85 11.08
CA LEU A 232 15.66 12.95 12.45
C LEU A 232 17.01 12.25 12.64
N ASN A 233 17.36 11.33 11.75
CA ASN A 233 18.68 10.69 11.78
C ASN A 233 19.72 11.44 10.95
N LYS A 234 19.45 12.70 10.60
CA LYS A 234 20.40 13.57 9.92
C LYS A 234 20.81 13.02 8.56
N GLN A 235 19.93 12.25 7.91
CA GLN A 235 20.24 11.67 6.62
C GLN A 235 19.94 12.59 5.45
N GLY A 236 19.14 13.63 5.65
CA GLY A 236 18.81 14.55 4.59
C GLY A 236 17.54 15.32 4.91
N ILE A 237 17.20 16.21 3.99
CA ILE A 237 16.02 17.04 4.12
C ILE A 237 14.82 16.28 3.55
N ALA A 238 13.62 16.74 3.90
CA ALA A 238 12.42 16.18 3.29
C ALA A 238 11.25 17.14 3.46
N TRP A 239 10.32 17.08 2.51
CA TRP A 239 9.08 17.83 2.61
C TRP A 239 8.10 17.01 3.45
N LEU A 240 7.93 17.40 4.70
CA LEU A 240 7.04 16.66 5.58
C LEU A 240 5.77 17.45 5.84
N PRO A 241 4.64 16.77 6.02
CA PRO A 241 3.39 17.49 6.35
C PRO A 241 3.53 18.19 7.69
N ALA A 242 2.99 19.41 7.74
CA ALA A 242 3.11 20.24 8.95
C ALA A 242 2.49 19.54 10.16
N TYR A 243 1.40 18.80 9.96
CA TYR A 243 0.73 18.16 11.09
C TYR A 243 1.53 17.02 11.69
N SER A 244 2.62 16.59 11.06
CA SER A 244 3.39 15.45 11.53
C SER A 244 4.72 15.85 12.17
N ILE A 245 5.03 17.14 12.24
CA ILE A 245 6.33 17.57 12.77
C ILE A 245 6.15 18.71 13.77
N GLN A 246 4.95 18.83 14.35
CA GLN A 246 4.68 19.96 15.24
C GLN A 246 5.58 19.94 16.47
N GLU A 247 5.67 18.80 17.14
CA GLU A 247 6.48 18.73 18.35
C GLU A 247 7.97 18.80 18.03
N GLU A 248 8.38 18.19 16.91
CA GLU A 248 9.78 18.25 16.51
C GLU A 248 10.20 19.68 16.19
N LEU A 249 9.30 20.45 15.58
CA LEU A 249 9.57 21.88 15.35
C LEU A 249 9.60 22.64 16.67
N ALA A 250 8.65 22.35 17.57
CA ALA A 250 8.61 23.05 18.84
C ALA A 250 9.82 22.74 19.70
N GLN A 251 10.36 21.53 19.60
CA GLN A 251 11.54 21.13 20.35
C GLN A 251 12.83 21.32 19.57
N LYS A 252 12.77 22.02 18.43
CA LYS A 252 13.96 22.38 17.65
C LYS A 252 14.78 21.16 17.26
N LYS A 253 14.12 20.01 17.12
CA LYS A 253 14.78 18.84 16.56
C LYS A 253 14.90 18.95 15.05
N VAL A 254 13.90 19.55 14.41
CA VAL A 254 13.93 19.83 12.98
C VAL A 254 13.74 21.32 12.78
N ALA A 255 14.01 21.77 11.55
CA ALA A 255 13.90 23.18 11.21
C ALA A 255 13.47 23.30 9.76
N ILE A 256 12.62 24.30 9.50
CA ILE A 256 12.14 24.61 8.16
C ILE A 256 13.23 25.41 7.43
N ILE A 257 13.54 24.99 6.21
CA ILE A 257 14.54 25.66 5.39
C ILE A 257 13.86 26.20 4.14
N GLY A 258 14.57 27.09 3.45
CA GLY A 258 14.07 27.67 2.23
C GLY A 258 13.18 28.88 2.48
N GLU A 259 12.59 29.37 1.40
CA GLU A 259 11.70 30.51 1.43
C GLU A 259 10.26 30.05 1.64
N GLN A 260 9.34 31.02 1.65
CA GLN A 260 7.92 30.71 1.75
C GLN A 260 7.42 29.97 0.52
N SER A 261 8.03 30.22 -0.64
CA SER A 261 7.59 29.58 -1.88
C SER A 261 7.80 28.07 -1.86
N LEU A 262 8.70 27.57 -1.01
CA LEU A 262 8.95 26.14 -0.93
C LEU A 262 7.96 25.42 -0.02
N ARG A 263 7.18 26.16 0.77
CA ARG A 263 6.07 25.55 1.49
C ARG A 263 4.95 25.23 0.49
N LEU A 264 4.48 23.99 0.50
CA LEU A 264 3.58 23.53 -0.55
C LEU A 264 2.20 23.28 0.01
N PRO A 265 1.16 23.98 -0.45
CA PRO A 265 -0.17 23.80 0.14
C PRO A 265 -0.78 22.45 -0.23
N ILE A 266 -1.28 21.74 0.78
CA ILE A 266 -2.00 20.49 0.58
C ILE A 266 -3.30 20.55 1.36
N GLU A 267 -4.27 19.76 0.90
CA GLU A 267 -5.57 19.68 1.54
C GLU A 267 -5.94 18.22 1.72
N TYR A 268 -6.62 17.92 2.83
CA TYR A 268 -7.12 16.58 3.05
C TYR A 268 -8.59 16.60 3.46
N TYR A 269 -9.29 15.57 3.00
CA TYR A 269 -10.74 15.45 3.02
C TYR A 269 -11.16 14.13 3.66
N ALA A 270 -12.44 14.08 4.01
CA ALA A 270 -13.15 12.84 4.29
C ALA A 270 -14.14 12.60 3.15
N TYR A 271 -14.14 11.38 2.62
CA TYR A 271 -14.99 11.01 1.50
C TYR A 271 -15.95 9.91 1.91
N ARG A 272 -17.11 9.88 1.27
CA ARG A 272 -18.10 8.84 1.48
C ARG A 272 -18.88 8.65 0.19
N TYR A 273 -19.60 7.54 0.11
CA TYR A 273 -20.43 7.23 -1.04
C TYR A 273 -21.88 6.98 -0.67
N GLN A 274 -22.14 6.31 0.44
CA GLN A 274 -23.50 6.04 0.85
C GLN A 274 -24.17 7.30 1.37
N ALA A 275 -25.42 7.52 0.97
CA ALA A 275 -26.14 8.72 1.37
C ALA A 275 -26.52 8.67 2.85
N ARG A 276 -26.75 7.48 3.39
CA ARG A 276 -27.18 7.33 4.78
C ARG A 276 -26.44 6.14 5.40
N LEU A 277 -25.54 6.43 6.32
CA LEU A 277 -24.83 5.40 7.06
C LEU A 277 -25.55 5.06 8.36
N HIS A 278 -25.07 4.02 9.04
CA HIS A 278 -25.56 3.70 10.36
C HIS A 278 -25.22 4.83 11.34
N PRO A 279 -25.94 4.93 12.46
CA PRO A 279 -25.74 6.08 13.37
C PRO A 279 -24.29 6.32 13.76
N ALA A 280 -23.52 5.26 14.04
CA ALA A 280 -22.12 5.45 14.39
C ALA A 280 -21.32 6.02 13.22
N GLY A 281 -21.65 5.58 12.00
CA GLY A 281 -20.98 6.13 10.83
C GLY A 281 -21.27 7.61 10.64
N GLU A 282 -22.54 8.00 10.81
CA GLU A 282 -22.89 9.41 10.71
C GLU A 282 -22.25 10.21 11.84
N LYS A 283 -22.08 9.62 13.02
CA LYS A 283 -21.40 10.30 14.11
C LYS A 283 -19.94 10.55 13.76
N VAL A 284 -19.26 9.53 13.23
CA VAL A 284 -17.87 9.69 12.79
C VAL A 284 -17.79 10.77 11.70
N TRP A 285 -18.74 10.76 10.76
CA TRP A 285 -18.73 11.74 9.69
C TRP A 285 -18.89 13.15 10.24
N SER A 286 -19.83 13.33 11.17
CA SER A 286 -20.07 14.66 11.74
C SER A 286 -18.88 15.13 12.57
N ILE A 287 -18.19 14.20 13.25
CA ILE A 287 -16.99 14.58 13.98
C ILE A 287 -15.88 14.99 13.02
N LEU A 288 -15.75 14.28 11.89
CA LEU A 288 -14.79 14.67 10.88
C LEU A 288 -15.11 16.04 10.30
N CYS A 289 -16.40 16.34 10.12
CA CYS A 289 -16.80 17.61 9.53
C CYS A 289 -16.66 18.78 10.50
N ASN A 290 -16.56 18.51 11.81
CA ASN A 290 -16.42 19.55 12.82
C ASN A 290 -15.11 19.41 13.57
N LEU A 291 -14.05 18.96 12.89
CA LEU A 291 -12.77 18.72 13.51
C LEU A 291 -11.84 19.91 13.28
N ASP A 292 -10.89 20.07 14.21
CA ASP A 292 -9.89 21.12 14.10
C ASP A 292 -8.50 20.63 14.49
N MET B 1 15.40 0.97 -40.22
CA MET B 1 14.67 2.22 -40.39
C MET B 1 14.56 2.97 -39.06
N ASN B 2 13.84 4.09 -39.07
CA ASN B 2 13.77 4.94 -37.89
C ASN B 2 12.48 5.73 -37.91
N VAL B 3 11.97 6.07 -36.73
CA VAL B 3 10.76 6.88 -36.59
C VAL B 3 11.00 7.87 -35.45
N GLU B 4 10.65 9.13 -35.69
CA GLU B 4 10.84 10.19 -34.70
C GLU B 4 9.54 10.41 -33.94
N SER B 5 9.62 10.41 -32.61
CA SER B 5 8.42 10.44 -31.78
C SER B 5 7.64 11.74 -31.94
N LYS B 6 8.31 12.87 -32.17
CA LYS B 6 7.61 14.13 -32.31
C LYS B 6 6.71 14.13 -33.55
N TRP B 7 7.07 13.36 -34.58
CA TRP B 7 6.24 13.25 -35.77
C TRP B 7 4.89 12.62 -35.45
N LEU B 8 4.84 11.72 -34.47
CA LEU B 8 3.58 11.10 -34.11
C LEU B 8 2.62 12.15 -33.52
N GLU B 9 3.13 12.98 -32.61
CA GLU B 9 2.32 14.08 -32.09
C GLU B 9 1.94 15.05 -33.19
N ASP B 10 2.86 15.33 -34.11
CA ASP B 10 2.53 16.20 -35.25
C ASP B 10 1.36 15.65 -36.04
N PHE B 11 1.42 14.35 -36.37
CA PHE B 11 0.37 13.73 -37.16
C PHE B 11 -0.96 13.72 -36.41
N LEU B 12 -0.92 13.47 -35.10
CA LEU B 12 -2.16 13.47 -34.32
C LEU B 12 -2.79 14.85 -34.30
N VAL B 13 -1.98 15.89 -34.03
CA VAL B 13 -2.51 17.26 -34.01
C VAL B 13 -3.05 17.64 -35.38
N LEU B 14 -2.35 17.24 -36.45
CA LEU B 14 -2.81 17.56 -37.80
C LEU B 14 -4.13 16.85 -38.11
N ALA B 15 -4.24 15.57 -37.75
CA ALA B 15 -5.48 14.84 -37.98
C ALA B 15 -6.63 15.43 -37.20
N LYS B 16 -6.35 16.01 -36.03
CA LYS B 16 -7.43 16.57 -35.23
C LYS B 16 -7.86 17.95 -35.72
N VAL B 17 -6.91 18.82 -36.06
CA VAL B 17 -7.26 20.19 -36.46
C VAL B 17 -7.52 20.34 -37.96
N LYS B 18 -7.03 19.42 -38.79
CA LYS B 18 -7.26 19.44 -40.23
C LYS B 18 -6.75 20.72 -40.89
N ASN B 19 -5.72 21.33 -40.32
CA ASN B 19 -5.18 22.56 -40.86
C ASN B 19 -3.68 22.62 -40.53
N PHE B 20 -2.86 22.80 -41.57
CA PHE B 20 -1.41 22.80 -41.37
C PHE B 20 -0.97 23.98 -40.50
N SER B 21 -1.57 25.16 -40.72
CA SER B 21 -1.17 26.33 -39.96
C SER B 21 -1.52 26.19 -38.48
N GLN B 22 -2.74 25.73 -38.19
CA GLN B 22 -3.15 25.56 -36.79
C GLN B 22 -2.33 24.46 -36.12
N ALA B 23 -2.09 23.36 -36.81
CA ALA B 23 -1.29 22.29 -36.23
C ALA B 23 0.15 22.73 -36.01
N ALA B 24 0.69 23.58 -36.88
CA ALA B 24 2.04 24.11 -36.68
C ALA B 24 2.09 25.05 -35.49
N GLU B 25 1.07 25.90 -35.34
CA GLU B 25 1.02 26.79 -34.19
C GLU B 25 0.88 26.02 -32.88
N LEU B 26 0.10 24.92 -32.90
CA LEU B 26 -0.04 24.11 -31.70
C LEU B 26 1.25 23.39 -31.34
N ARG B 27 2.05 23.02 -32.33
CA ARG B 27 3.29 22.28 -32.12
C ARG B 27 4.49 23.20 -31.89
N ASN B 28 4.27 24.51 -31.79
CA ASN B 28 5.32 25.48 -31.49
C ASN B 28 6.45 25.42 -32.51
N VAL B 29 6.10 25.19 -33.77
CA VAL B 29 7.05 25.21 -34.87
C VAL B 29 6.42 26.00 -36.02
N THR B 30 7.28 26.51 -36.90
CA THR B 30 6.78 27.27 -38.03
C THR B 30 6.04 26.35 -39.00
N GLN B 31 5.23 26.98 -39.86
CA GLN B 31 4.39 26.21 -40.78
C GLN B 31 5.20 25.37 -41.76
N PRO B 32 6.24 25.88 -42.43
CA PRO B 32 7.02 25.02 -43.33
C PRO B 32 7.73 23.89 -42.60
N ALA B 33 8.19 24.12 -41.37
CA ALA B 33 8.83 23.04 -40.61
C ALA B 33 7.85 21.93 -40.29
N PHE B 34 6.61 22.29 -39.92
CA PHE B 34 5.60 21.27 -39.66
C PHE B 34 5.25 20.51 -40.93
N SER B 35 5.10 21.22 -42.05
CA SER B 35 4.82 20.55 -43.32
C SER B 35 5.94 19.59 -43.68
N ARG B 36 7.20 20.01 -43.51
CA ARG B 36 8.33 19.17 -43.87
C ARG B 36 8.44 17.96 -42.93
N ARG B 37 8.11 18.14 -41.65
CA ARG B 37 8.15 17.01 -40.72
C ARG B 37 7.03 16.01 -41.03
N ILE B 38 5.86 16.50 -41.43
CA ILE B 38 4.79 15.61 -41.86
C ILE B 38 5.22 14.84 -43.10
N ARG B 39 5.87 15.51 -44.04
CA ARG B 39 6.34 14.82 -45.24
C ARG B 39 7.45 13.81 -44.92
N LEU B 40 8.30 14.14 -43.94
CA LEU B 40 9.30 13.17 -43.49
C LEU B 40 8.66 11.94 -42.91
N LEU B 41 7.62 12.12 -42.09
CA LEU B 41 6.89 10.97 -41.55
C LEU B 41 6.25 10.15 -42.67
N GLU B 42 5.66 10.83 -43.66
CA GLU B 42 5.02 10.11 -44.76
C GLU B 42 6.03 9.31 -45.55
N ASP B 43 7.22 9.87 -45.79
CA ASP B 43 8.27 9.13 -46.48
C ASP B 43 8.75 7.95 -45.64
N THR B 44 8.92 8.16 -44.33
CA THR B 44 9.38 7.11 -43.45
C THR B 44 8.41 5.93 -43.42
N VAL B 45 7.12 6.23 -43.31
CA VAL B 45 6.11 5.17 -43.27
C VAL B 45 5.99 4.49 -44.62
N GLY B 46 6.10 5.26 -45.70
CA GLY B 46 6.00 4.72 -47.03
C GLY B 46 4.68 4.92 -47.72
N ALA B 47 3.90 5.92 -47.32
CA ALA B 47 2.62 6.19 -47.95
C ALA B 47 2.17 7.60 -47.58
N GLU B 48 1.37 8.19 -48.46
CA GLU B 48 0.77 9.49 -48.18
C GLU B 48 -0.30 9.35 -47.11
N LEU B 49 -0.12 10.06 -45.99
CA LEU B 49 -1.03 9.97 -44.86
C LEU B 49 -2.05 11.09 -44.82
N VAL B 50 -2.01 12.01 -45.78
CA VAL B 50 -2.86 13.19 -45.76
C VAL B 50 -3.29 13.51 -47.18
N ASP B 51 -4.60 13.66 -47.39
CA ASP B 51 -5.12 14.06 -48.69
C ASP B 51 -4.85 15.54 -48.92
N ARG B 52 -4.19 15.85 -50.03
CA ARG B 52 -3.76 17.22 -50.30
C ARG B 52 -4.83 18.06 -50.97
N LYS B 53 -5.81 17.44 -51.63
CA LYS B 53 -6.83 18.16 -52.38
C LYS B 53 -8.10 18.41 -51.59
N SER B 54 -8.15 18.01 -50.33
CA SER B 54 -9.35 18.18 -49.50
C SER B 54 -9.24 19.45 -48.69
N LYS B 55 -10.34 20.20 -48.65
CA LYS B 55 -10.43 21.44 -47.85
C LYS B 55 -11.74 21.41 -47.09
N PRO B 56 -11.71 21.23 -45.75
CA PRO B 56 -10.52 21.11 -44.90
C PRO B 56 -9.74 19.81 -45.13
N ILE B 57 -8.49 19.81 -44.68
CA ILE B 57 -7.58 18.71 -44.99
C ILE B 57 -8.06 17.44 -44.30
N GLU B 58 -8.15 16.36 -45.05
CA GLU B 58 -8.56 15.06 -44.52
C GLU B 58 -7.44 14.05 -44.74
N LEU B 59 -7.58 12.91 -44.08
CA LEU B 59 -6.56 11.88 -44.07
C LEU B 59 -6.84 10.82 -45.12
N THR B 60 -5.76 10.28 -45.69
CA THR B 60 -5.86 9.11 -46.54
C THR B 60 -6.20 7.89 -45.67
N PRO B 61 -6.69 6.81 -46.29
CA PRO B 61 -6.93 5.58 -45.52
C PRO B 61 -5.73 5.13 -44.71
N SER B 62 -4.53 5.21 -45.30
CA SER B 62 -3.32 4.85 -44.57
C SER B 62 -3.13 5.75 -43.35
N GLY B 63 -3.48 7.03 -43.48
CA GLY B 63 -3.44 7.90 -42.32
C GLY B 63 -4.45 7.52 -41.27
N LYS B 64 -5.64 7.08 -41.70
CA LYS B 64 -6.65 6.60 -40.76
C LYS B 64 -6.14 5.40 -39.97
N LEU B 65 -5.45 4.47 -40.63
CA LEU B 65 -4.91 3.32 -39.91
C LEU B 65 -3.71 3.71 -39.05
N PHE B 66 -2.90 4.68 -39.50
CA PHE B 66 -1.72 5.08 -38.75
C PHE B 66 -2.08 5.94 -37.54
N ARG B 67 -3.29 6.50 -37.49
CA ARG B 67 -3.73 7.18 -36.28
C ARG B 67 -3.65 6.26 -35.08
N ILE B 68 -4.19 5.03 -35.22
CA ILE B 68 -4.17 4.07 -34.12
C ILE B 68 -2.73 3.72 -33.76
N THR B 69 -1.88 3.51 -34.77
CA THR B 69 -0.49 3.17 -34.51
C THR B 69 0.20 4.27 -33.72
N ALA B 70 0.07 5.52 -34.17
CA ALA B 70 0.73 6.64 -33.49
C ALA B 70 0.19 6.83 -32.08
N ARG B 71 -1.13 6.64 -31.90
CA ARG B 71 -1.70 6.79 -30.57
C ARG B 71 -1.16 5.73 -29.62
N THR B 72 -1.13 4.47 -30.06
CA THR B 72 -0.58 3.41 -29.22
C THR B 72 0.89 3.65 -28.93
N LEU B 73 1.64 4.16 -29.91
CA LEU B 73 3.07 4.41 -29.71
C LEU B 73 3.30 5.50 -28.68
N VAL B 74 2.57 6.62 -28.80
CA VAL B 74 2.72 7.70 -27.83
C VAL B 74 2.31 7.24 -26.44
N ASN B 75 1.21 6.48 -26.34
CA ASN B 75 0.76 6.00 -25.04
C ASN B 75 1.78 5.04 -24.42
N GLN B 76 2.35 4.15 -25.22
CA GLN B 76 3.35 3.22 -24.71
C GLN B 76 4.60 3.96 -24.24
N ILE B 77 5.04 4.95 -25.02
CA ILE B 77 6.18 5.77 -24.59
C ILE B 77 5.89 6.41 -23.24
N GLU B 78 4.73 7.06 -23.12
CA GLU B 78 4.40 7.76 -21.89
C GLU B 78 4.30 6.82 -20.70
N ALA B 79 3.75 5.62 -20.92
CA ALA B 79 3.59 4.67 -19.82
C ALA B 79 4.93 4.08 -19.39
N GLY B 80 5.73 3.63 -20.36
CA GLY B 80 7.04 3.09 -20.05
C GLY B 80 8.02 4.12 -19.51
N ILE B 81 7.71 5.40 -19.68
CA ILE B 81 8.54 6.44 -19.07
C ILE B 81 8.04 6.83 -17.67
N SER B 82 6.72 6.88 -17.48
CA SER B 82 6.18 7.16 -16.15
C SER B 82 6.56 6.06 -15.18
N GLN B 83 6.62 4.80 -15.66
CA GLN B 83 6.96 3.71 -14.77
C GLN B 83 8.43 3.69 -14.42
N ILE B 84 9.27 4.42 -15.16
CA ILE B 84 10.69 4.47 -14.89
C ILE B 84 11.11 5.81 -14.32
N SER B 85 10.19 6.77 -14.21
CA SER B 85 10.50 8.10 -13.68
C SER B 85 11.13 8.03 -12.29
N ASP B 86 10.46 7.36 -11.36
CA ASP B 86 10.97 7.29 -9.99
C ASP B 86 12.24 6.46 -9.91
N LEU B 87 12.36 5.42 -10.74
CA LEU B 87 13.58 4.61 -10.70
C LEU B 87 14.76 5.34 -11.33
N SER B 88 14.50 6.12 -12.39
CA SER B 88 15.56 6.86 -13.05
C SER B 88 16.06 7.99 -12.18
N GLN B 89 15.16 8.66 -11.45
CA GLN B 89 15.60 9.74 -10.57
C GLN B 89 16.55 9.24 -9.48
N LEU B 90 16.34 8.02 -9.00
CA LEU B 90 17.19 7.46 -7.96
C LEU B 90 18.48 6.87 -8.49
N GLY B 91 18.56 6.59 -9.79
CA GLY B 91 19.76 6.07 -10.41
C GLY B 91 19.74 4.57 -10.59
N GLY B 92 20.79 4.08 -11.25
CA GLY B 92 20.93 2.66 -11.52
C GLY B 92 21.23 1.80 -10.30
N ASN B 93 21.44 2.41 -9.14
CA ASN B 93 21.70 1.67 -7.91
C ASN B 93 20.46 1.57 -7.02
N VAL B 94 19.27 1.84 -7.56
CA VAL B 94 18.06 1.79 -6.76
C VAL B 94 17.73 0.35 -6.41
N VAL B 95 17.34 0.13 -5.16
CA VAL B 95 16.93 -1.17 -4.66
C VAL B 95 15.50 -1.04 -4.15
N GLN B 96 14.58 -1.77 -4.76
CA GLN B 96 13.17 -1.70 -4.38
C GLN B 96 12.91 -2.68 -3.25
N VAL B 97 12.44 -2.15 -2.12
CA VAL B 97 12.17 -2.95 -0.93
C VAL B 97 10.72 -2.71 -0.52
N ALA B 98 9.92 -3.77 -0.55
CA ALA B 98 8.62 -3.77 0.10
C ALA B 98 8.80 -4.23 1.54
N ALA B 99 8.06 -3.61 2.46
CA ALA B 99 8.27 -3.94 3.86
C ALA B 99 7.00 -3.70 4.67
N ALA B 100 6.87 -4.47 5.74
CA ALA B 100 5.90 -4.14 6.77
C ALA B 100 6.30 -2.81 7.41
N HIS B 101 5.29 -2.01 7.77
CA HIS B 101 5.54 -0.64 8.20
C HIS B 101 6.51 -0.59 9.37
N SER B 102 6.22 -1.34 10.44
CA SER B 102 7.09 -1.33 11.61
C SER B 102 8.47 -1.88 11.29
N LEU B 103 8.53 -2.95 10.49
CA LEU B 103 9.83 -3.49 10.08
C LEU B 103 10.63 -2.45 9.31
N ALA B 104 9.99 -1.74 8.39
CA ALA B 104 10.67 -0.67 7.65
C ALA B 104 11.22 0.38 8.61
N THR B 105 10.34 0.99 9.40
CA THR B 105 10.75 2.06 10.30
C THR B 105 11.80 1.62 11.31
N SER B 106 11.88 0.32 11.61
CA SER B 106 12.87 -0.16 12.59
C SER B 106 14.19 -0.52 11.94
N LEU B 107 14.17 -1.14 10.76
CA LEU B 107 15.39 -1.70 10.19
C LEU B 107 16.09 -0.74 9.22
N ILE B 108 15.33 0.04 8.46
CA ILE B 108 15.90 0.83 7.37
C ILE B 108 16.88 1.91 7.85
N PRO B 109 16.68 2.56 9.01
CA PRO B 109 17.75 3.47 9.49
C PRO B 109 19.11 2.80 9.61
N LYS B 110 19.15 1.59 10.18
CA LYS B 110 20.43 0.88 10.33
C LYS B 110 21.00 0.50 8.97
N MET B 111 20.16 -0.02 8.08
CA MET B 111 20.63 -0.37 6.73
C MET B 111 21.17 0.85 6.00
N GLN B 112 20.50 1.99 6.15
CA GLN B 112 20.95 3.21 5.49
C GLN B 112 22.27 3.70 6.06
N GLN B 113 22.45 3.59 7.37
CA GLN B 113 23.71 3.98 7.98
C GLN B 113 24.83 2.97 7.72
N ALA B 114 24.50 1.75 7.31
CA ALA B 114 25.48 0.73 7.03
C ALA B 114 26.05 0.79 5.61
N PHE B 115 25.59 1.74 4.79
CA PHE B 115 26.03 1.82 3.41
C PHE B 115 27.39 2.48 3.31
N ASP B 116 28.27 1.89 2.52
CA ASP B 116 29.56 2.49 2.20
C ASP B 116 29.45 3.34 0.95
N GLU B 117 30.31 4.35 0.86
CA GLU B 117 30.31 5.22 -0.31
C GLU B 117 30.95 4.50 -1.50
N GLY B 118 30.58 4.93 -2.68
CA GLY B 118 31.11 4.35 -3.90
C GLY B 118 30.11 4.42 -5.03
N ASP B 119 30.52 3.89 -6.18
CA ASP B 119 29.69 3.92 -7.37
C ASP B 119 28.51 2.95 -7.30
N TYR B 120 28.59 1.93 -6.45
CA TYR B 120 27.50 0.97 -6.28
C TYR B 120 26.79 1.16 -4.94
N LYS B 121 26.77 2.38 -4.43
CA LYS B 121 26.10 2.65 -3.16
C LYS B 121 24.59 2.50 -3.33
N PRO B 122 23.93 1.68 -2.51
CA PRO B 122 22.51 1.43 -2.69
C PRO B 122 21.67 2.67 -2.39
N ILE B 123 20.68 2.90 -3.25
CA ILE B 123 19.66 3.93 -3.04
C ILE B 123 18.34 3.20 -2.79
N LEU B 124 17.86 3.24 -1.56
CA LEU B 124 16.68 2.48 -1.18
C LEU B 124 15.41 3.17 -1.70
N SER B 125 14.49 2.36 -2.22
CA SER B 125 13.13 2.80 -2.55
C SER B 125 12.20 1.85 -1.79
N VAL B 126 11.64 2.32 -0.68
CA VAL B 126 10.90 1.47 0.23
C VAL B 126 9.41 1.80 0.15
N GLU B 127 8.60 0.75 0.03
CA GLU B 127 7.16 0.90 -0.01
C GLU B 127 6.50 -0.08 0.96
N ALA B 128 5.35 0.34 1.48
CA ALA B 128 4.59 -0.51 2.39
C ALA B 128 4.20 -1.81 1.68
N ILE B 129 4.29 -2.92 2.42
CA ILE B 129 4.04 -4.24 1.83
C ILE B 129 2.58 -4.35 1.41
N ASP B 130 2.35 -4.90 0.23
CA ASP B 130 1.00 -5.24 -0.22
C ASP B 130 0.72 -6.65 0.30
N VAL B 131 0.01 -6.73 1.42
CA VAL B 131 -0.21 -8.00 2.11
C VAL B 131 -0.87 -9.04 1.20
N ASP B 132 -1.59 -8.61 0.17
CA ASP B 132 -2.26 -9.53 -0.73
C ASP B 132 -1.46 -9.83 -2.00
N GLU B 133 -0.53 -8.96 -2.40
CA GLU B 133 0.17 -9.12 -3.67
C GLU B 133 1.68 -9.03 -3.53
N ALA B 134 2.22 -9.05 -2.31
CA ALA B 134 3.67 -8.92 -2.15
C ALA B 134 4.41 -10.09 -2.78
N THR B 135 3.83 -11.29 -2.73
CA THR B 135 4.49 -12.46 -3.28
C THR B 135 4.61 -12.37 -4.79
N LYS B 136 3.49 -12.08 -5.47
CA LYS B 136 3.55 -11.91 -6.92
C LYS B 136 4.38 -10.69 -7.31
N GLU B 137 4.35 -9.64 -6.49
CA GLU B 137 5.20 -8.48 -6.73
C GLU B 137 6.67 -8.86 -6.65
N LEU B 138 7.01 -9.79 -5.75
CA LEU B 138 8.38 -10.28 -5.66
C LEU B 138 8.73 -11.21 -6.82
N ARG B 139 7.74 -11.93 -7.34
CA ARG B 139 7.99 -12.85 -8.44
C ARG B 139 8.17 -12.12 -9.77
N GLU B 140 7.38 -11.06 -9.99
CA GLU B 140 7.42 -10.35 -11.28
C GLU B 140 8.53 -9.32 -11.36
N GLY B 141 9.26 -9.08 -10.27
CA GLY B 141 10.37 -8.14 -10.29
C GLY B 141 10.01 -6.70 -9.98
N ALA B 142 8.78 -6.44 -9.53
CA ALA B 142 8.42 -5.07 -9.15
C ALA B 142 9.10 -4.62 -7.87
N CYS B 143 9.68 -5.55 -7.10
CA CYS B 143 10.52 -5.21 -5.97
C CYS B 143 11.59 -6.27 -5.85
N ASP B 144 12.74 -5.88 -5.29
CA ASP B 144 13.89 -6.77 -5.20
C ASP B 144 13.90 -7.58 -3.92
N ILE B 145 13.64 -6.93 -2.77
CA ILE B 145 13.68 -7.58 -1.48
C ILE B 145 12.41 -7.24 -0.72
N LEU B 146 12.01 -8.13 0.19
CA LEU B 146 10.79 -7.97 0.97
C LEU B 146 11.09 -8.20 2.44
N LEU B 147 10.92 -7.17 3.26
CA LEU B 147 11.05 -7.30 4.71
C LEU B 147 9.69 -7.64 5.28
N ALA B 148 9.52 -8.88 5.76
CA ALA B 148 8.20 -9.31 6.17
C ALA B 148 8.29 -10.32 7.29
N PHE B 149 7.17 -10.52 7.98
CA PHE B 149 7.11 -11.49 9.07
C PHE B 149 7.15 -12.90 8.52
N ASP B 150 7.06 -13.87 9.43
CA ASP B 150 7.13 -15.28 9.05
C ASP B 150 5.96 -15.63 8.13
N ASP B 151 6.30 -16.26 7.00
CA ASP B 151 5.30 -16.63 6.00
C ASP B 151 5.69 -17.99 5.43
N ASP B 152 4.76 -18.94 5.48
CA ASP B 152 5.08 -20.31 5.08
C ASP B 152 5.42 -20.42 3.61
N ILE B 153 4.94 -19.48 2.79
CA ILE B 153 5.21 -19.52 1.36
C ILE B 153 6.49 -18.79 1.02
N LEU B 154 6.66 -17.57 1.55
CA LEU B 154 7.83 -16.77 1.20
C LEU B 154 9.12 -17.36 1.78
N ARG B 155 9.02 -18.10 2.88
CA ARG B 155 10.21 -18.67 3.52
C ARG B 155 10.73 -19.89 2.79
N LEU B 156 9.90 -20.55 1.98
CA LEU B 156 10.25 -21.76 1.27
C LEU B 156 10.58 -21.45 -0.18
N PRO B 157 11.19 -22.39 -0.90
CA PRO B 157 11.37 -22.23 -2.35
C PRO B 157 10.05 -21.95 -3.04
N PRO B 158 10.08 -21.29 -4.22
CA PRO B 158 11.27 -20.88 -4.98
C PRO B 158 11.90 -19.59 -4.47
N TYR B 159 11.47 -19.13 -3.30
CA TYR B 159 11.98 -17.89 -2.72
C TYR B 159 13.12 -18.19 -1.75
N GLN B 160 14.05 -17.25 -1.66
CA GLN B 160 15.11 -17.29 -0.67
C GLN B 160 14.71 -16.45 0.54
N SER B 161 15.11 -16.90 1.72
CA SER B 161 14.74 -16.24 2.96
C SER B 161 15.92 -16.24 3.92
N GLN B 162 16.05 -15.16 4.69
CA GLN B 162 17.03 -15.05 5.75
C GLN B 162 16.32 -14.53 7.00
N LEU B 163 16.37 -15.30 8.07
CA LEU B 163 15.77 -14.88 9.33
C LEU B 163 16.53 -13.67 9.85
N ILE B 164 15.93 -12.49 9.70
CA ILE B 164 16.56 -11.28 10.24
C ILE B 164 16.59 -11.34 11.76
N ALA B 165 15.42 -11.49 12.39
CA ALA B 165 15.42 -11.47 13.85
C ALA B 165 14.21 -12.21 14.39
N LYS B 166 14.26 -12.48 15.69
CA LYS B 166 13.20 -13.17 16.43
C LYS B 166 12.96 -12.39 17.72
N THR B 167 11.81 -11.74 17.82
CA THR B 167 11.46 -10.93 18.98
C THR B 167 10.11 -11.42 19.50
N GLU B 168 9.42 -10.57 20.26
CA GLU B 168 8.16 -10.97 20.87
C GLU B 168 7.19 -9.80 20.95
N LEU B 169 5.92 -10.10 20.68
CA LEU B 169 4.83 -9.19 20.94
C LEU B 169 4.55 -9.16 22.44
N LEU B 170 4.58 -7.96 23.02
CA LEU B 170 4.35 -7.76 24.43
C LEU B 170 3.00 -7.09 24.64
N PRO B 171 2.13 -7.63 25.49
CA PRO B 171 0.91 -6.92 25.86
C PRO B 171 1.25 -5.76 26.79
N VAL B 172 0.99 -4.54 26.33
CA VAL B 172 1.46 -3.35 27.00
C VAL B 172 0.31 -2.39 27.25
N SER B 173 0.49 -1.56 28.29
CA SER B 173 -0.49 -0.58 28.70
C SER B 173 0.23 0.70 29.10
N ALA B 174 -0.50 1.82 29.07
CA ALA B 174 0.06 3.09 29.49
C ALA B 174 0.30 3.11 30.99
N CYS B 175 1.03 4.12 31.45
CA CYS B 175 1.41 4.23 32.86
C CYS B 175 1.08 5.62 33.38
N ASP B 176 1.01 5.72 34.71
CA ASP B 176 0.92 6.99 35.39
C ASP B 176 2.33 7.51 35.68
N GLU B 177 2.41 8.65 36.38
CA GLU B 177 3.70 9.25 36.69
C GLU B 177 4.51 8.44 37.68
N MET B 178 3.91 7.43 38.31
CA MET B 178 4.63 6.53 39.20
C MET B 178 5.19 5.31 38.47
N GLY B 179 4.97 5.21 37.16
CA GLY B 179 5.41 4.06 36.41
C GLY B 179 4.55 2.84 36.55
N LYS B 180 3.35 2.97 37.12
CA LYS B 180 2.46 1.84 37.30
C LYS B 180 1.44 1.76 36.17
N PRO B 181 1.11 0.55 35.71
CA PRO B 181 0.19 0.43 34.58
C PRO B 181 -1.22 0.87 34.93
N ILE B 182 -1.89 1.48 33.96
CA ILE B 182 -3.26 1.94 34.15
C ILE B 182 -4.24 0.79 34.04
N TYR B 183 -4.00 -0.13 33.10
CA TYR B 183 -4.83 -1.31 32.92
C TYR B 183 -4.06 -2.55 33.36
N ASP B 184 -4.77 -3.46 34.02
CA ASP B 184 -4.21 -4.73 34.51
C ASP B 184 -4.99 -5.88 33.90
N PHE B 185 -4.61 -7.10 34.33
CA PHE B 185 -5.39 -8.30 34.04
C PHE B 185 -5.94 -8.93 35.32
N ILE B 186 -5.89 -8.21 36.44
CA ILE B 186 -6.40 -8.71 37.70
C ILE B 186 -7.73 -8.02 37.99
N SER B 187 -8.81 -8.55 37.42
CA SER B 187 -10.16 -8.04 37.59
C SER B 187 -11.12 -9.00 36.93
N GLN B 188 -12.35 -9.03 37.43
CA GLN B 188 -13.40 -9.85 36.83
C GLN B 188 -13.92 -9.25 35.53
N GLY B 189 -13.68 -7.95 35.30
CA GLY B 189 -14.10 -7.32 34.06
C GLY B 189 -13.00 -7.29 33.01
N ALA B 190 -13.41 -7.13 31.77
CA ALA B 190 -12.47 -7.11 30.65
C ALA B 190 -11.76 -5.76 30.60
N VAL B 191 -10.83 -5.64 29.66
CA VAL B 191 -9.98 -4.45 29.54
C VAL B 191 -10.18 -3.86 28.15
N PRO B 192 -10.22 -2.53 28.00
CA PRO B 192 -10.26 -1.93 26.66
C PRO B 192 -9.10 -2.42 25.81
N TRP B 193 -9.43 -3.01 24.66
CA TRP B 193 -8.49 -3.73 23.83
C TRP B 193 -8.37 -3.03 22.48
N LEU B 194 -7.14 -2.75 22.08
CA LEU B 194 -6.82 -2.20 20.76
C LEU B 194 -6.26 -3.34 19.93
N THR B 195 -7.10 -3.91 19.07
CA THR B 195 -6.78 -5.15 18.37
C THR B 195 -6.35 -4.87 16.94
N TYR B 196 -5.61 -5.83 16.39
CA TYR B 196 -5.38 -5.91 14.96
C TYR B 196 -6.54 -6.65 14.31
N SER B 197 -6.49 -6.83 13.01
CA SER B 197 -7.41 -7.77 12.39
C SER B 197 -6.79 -9.16 12.45
N SER B 198 -7.64 -10.18 12.57
CA SER B 198 -7.11 -11.54 12.54
C SER B 198 -6.54 -11.87 11.17
N THR B 199 -6.79 -11.03 10.17
CA THR B 199 -6.25 -11.19 8.83
C THR B 199 -4.77 -10.86 8.75
N SER B 200 -4.12 -10.49 9.86
CA SER B 200 -2.72 -10.11 9.88
C SER B 200 -1.92 -11.09 10.72
N TYR B 201 -0.61 -11.12 10.46
CA TYR B 201 0.28 -12.03 11.17
C TYR B 201 0.25 -11.76 12.67
N ILE B 202 0.37 -10.49 13.07
CA ILE B 202 0.36 -10.16 14.49
C ILE B 202 -0.97 -10.53 15.13
N GLY B 203 -2.07 -10.35 14.39
CA GLY B 203 -3.37 -10.77 14.92
C GLY B 203 -3.48 -12.27 15.06
N ARG B 204 -2.92 -13.02 14.10
CA ARG B 204 -2.89 -14.47 14.21
C ARG B 204 -2.07 -14.90 15.42
N GLN B 205 -1.02 -14.15 15.76
CA GLN B 205 -0.25 -14.47 16.96
C GLN B 205 -1.05 -14.15 18.23
N VAL B 206 -1.76 -13.03 18.23
CA VAL B 206 -2.53 -12.64 19.41
C VAL B 206 -3.66 -13.62 19.67
N GLU B 207 -4.28 -14.14 18.61
CA GLU B 207 -5.44 -15.01 18.79
C GLU B 207 -5.10 -16.38 19.40
N ILE B 208 -3.82 -16.67 19.62
CA ILE B 208 -3.45 -17.95 20.24
C ILE B 208 -3.77 -17.91 21.74
N ILE B 209 -3.52 -16.79 22.40
CA ILE B 209 -3.77 -16.65 23.84
C ILE B 209 -5.06 -15.88 24.11
N ARG B 210 -5.97 -15.85 23.12
CA ARG B 210 -7.18 -15.03 23.23
C ARG B 210 -8.10 -15.51 24.34
N GLU B 211 -8.12 -16.82 24.61
CA GLU B 211 -9.09 -17.37 25.58
C GLU B 211 -8.75 -16.95 27.00
N GLN B 212 -7.45 -16.94 27.35
CA GLN B 212 -7.02 -16.77 28.73
C GLN B 212 -6.96 -15.30 29.16
N VAL B 213 -7.51 -14.38 28.38
CA VAL B 213 -7.49 -12.96 28.71
C VAL B 213 -8.87 -12.38 28.50
N ALA B 214 -9.29 -11.49 29.40
CA ALA B 214 -10.56 -10.80 29.31
C ALA B 214 -10.35 -9.47 28.59
N LEU B 215 -10.91 -9.35 27.39
CA LEU B 215 -10.69 -8.19 26.53
C LEU B 215 -12.01 -7.71 25.95
N THR B 216 -12.07 -6.40 25.68
CA THR B 216 -13.23 -5.78 25.04
C THR B 216 -12.71 -4.91 23.91
N PRO B 217 -12.87 -5.35 22.66
CA PRO B 217 -12.29 -4.59 21.52
C PRO B 217 -12.99 -3.26 21.35
N ILE B 218 -12.23 -2.17 21.43
CA ILE B 218 -12.76 -0.83 21.22
C ILE B 218 -12.13 -0.14 20.02
N PHE B 219 -11.15 -0.75 19.38
CA PHE B 219 -10.49 -0.17 18.22
C PHE B 219 -9.76 -1.27 17.48
N SER B 220 -9.82 -1.24 16.15
CA SER B 220 -9.17 -2.22 15.30
C SER B 220 -8.35 -1.52 14.23
N SER B 221 -7.15 -2.03 14.01
CA SER B 221 -6.26 -1.51 12.96
C SER B 221 -5.06 -2.44 12.82
N SER B 222 -4.66 -2.68 11.58
CA SER B 222 -3.44 -3.44 11.33
C SER B 222 -2.18 -2.57 11.44
N MET B 223 -2.34 -1.26 11.50
CA MET B 223 -1.22 -0.34 11.67
C MET B 223 -0.80 -0.37 13.14
N THR B 224 0.35 -1.00 13.41
CA THR B 224 0.76 -1.18 14.80
C THR B 224 1.15 0.16 15.44
N ASP B 225 1.61 1.13 14.66
CA ASP B 225 1.90 2.45 15.23
C ASP B 225 0.63 3.18 15.63
N MET B 226 -0.48 2.92 14.93
CA MET B 226 -1.77 3.46 15.35
C MET B 226 -2.16 2.93 16.72
N LEU B 227 -2.07 1.61 16.90
CA LEU B 227 -2.37 1.01 18.19
C LEU B 227 -1.42 1.51 19.26
N LYS B 228 -0.15 1.72 18.91
CA LYS B 228 0.82 2.26 19.87
C LYS B 228 0.43 3.66 20.32
N ILE B 229 0.04 4.52 19.37
CA ILE B 229 -0.43 5.86 19.71
C ILE B 229 -1.63 5.79 20.64
N LEU B 230 -2.58 4.91 20.32
CA LEU B 230 -3.78 4.81 21.16
C LEU B 230 -3.46 4.22 22.53
N VAL B 231 -2.40 3.42 22.63
CA VAL B 231 -1.94 2.96 23.94
C VAL B 231 -1.36 4.13 24.73
N LEU B 232 -0.56 4.97 24.07
CA LEU B 232 0.02 6.12 24.74
C LEU B 232 -1.05 7.11 25.21
N ASN B 233 -2.21 7.13 24.54
CA ASN B 233 -3.30 8.01 24.90
C ASN B 233 -4.23 7.41 25.94
N LYS B 234 -3.78 6.37 26.67
CA LYS B 234 -4.53 5.77 27.76
C LYS B 234 -5.89 5.23 27.31
N GLN B 235 -5.99 4.85 26.04
CA GLN B 235 -7.25 4.34 25.50
C GLN B 235 -7.42 2.84 25.73
N GLY B 236 -6.33 2.09 25.79
CA GLY B 236 -6.43 0.67 25.99
C GLY B 236 -5.07 0.02 25.97
N ILE B 237 -5.08 -1.30 25.93
CA ILE B 237 -3.86 -2.10 25.91
C ILE B 237 -3.70 -2.71 24.53
N ALA B 238 -2.47 -3.09 24.20
CA ALA B 238 -2.26 -3.70 22.89
C ALA B 238 -1.00 -4.57 22.91
N TRP B 239 -1.03 -5.62 22.10
CA TRP B 239 0.16 -6.44 21.86
C TRP B 239 1.02 -5.73 20.81
N LEU B 240 2.15 -5.17 21.26
CA LEU B 240 3.00 -4.43 20.36
C LEU B 240 4.35 -5.13 20.19
N PRO B 241 4.97 -5.03 19.01
CA PRO B 241 6.29 -5.63 18.83
C PRO B 241 7.32 -4.98 19.74
N ALA B 242 8.23 -5.80 20.26
CA ALA B 242 9.21 -5.30 21.22
C ALA B 242 10.13 -4.25 20.61
N TYR B 243 10.46 -4.38 19.32
CA TYR B 243 11.39 -3.45 18.70
C TYR B 243 10.79 -2.05 18.50
N SER B 244 9.49 -1.89 18.67
CA SER B 244 8.81 -0.62 18.39
C SER B 244 8.46 0.15 19.64
N ILE B 245 8.72 -0.38 20.84
CA ILE B 245 8.35 0.28 22.08
C ILE B 245 9.55 0.37 23.00
N GLN B 246 10.75 0.20 22.46
CA GLN B 246 11.94 0.18 23.30
C GLN B 246 12.15 1.51 24.02
N GLU B 247 11.94 2.63 23.32
CA GLU B 247 12.05 3.93 23.97
C GLU B 247 11.01 4.09 25.07
N GLU B 248 9.75 3.80 24.76
CA GLU B 248 8.68 3.93 25.74
C GLU B 248 8.79 2.91 26.86
N LEU B 249 9.43 1.77 26.61
CA LEU B 249 9.61 0.77 27.66
C LEU B 249 10.76 1.14 28.58
N ALA B 250 11.84 1.69 28.03
CA ALA B 250 12.93 2.18 28.86
C ALA B 250 12.45 3.27 29.81
N GLN B 251 11.76 4.28 29.26
CA GLN B 251 11.06 5.25 30.08
C GLN B 251 9.82 4.60 30.69
N LYS B 252 9.09 5.36 31.51
CA LYS B 252 7.92 4.84 32.20
C LYS B 252 6.62 5.26 31.53
N LYS B 253 6.62 5.39 30.20
CA LYS B 253 5.39 5.70 29.48
C LYS B 253 4.52 4.47 29.27
N VAL B 254 5.14 3.30 29.12
CA VAL B 254 4.43 2.06 28.83
C VAL B 254 5.01 0.96 29.70
N ALA B 255 4.18 -0.03 30.03
CA ALA B 255 4.60 -1.18 30.82
C ALA B 255 3.95 -2.46 30.31
N ILE B 256 4.71 -3.55 30.40
CA ILE B 256 4.17 -4.87 30.10
C ILE B 256 3.26 -5.31 31.24
N ILE B 257 2.11 -5.88 30.90
CA ILE B 257 1.06 -6.10 31.88
C ILE B 257 0.57 -7.54 31.87
N GLY B 258 1.48 -8.50 31.64
CA GLY B 258 1.06 -9.89 31.59
C GLY B 258 2.13 -10.83 32.09
N GLU B 259 1.71 -12.08 32.29
CA GLU B 259 2.63 -13.15 32.58
C GLU B 259 3.50 -13.43 31.35
N GLN B 260 4.60 -14.15 31.57
CA GLN B 260 5.47 -14.54 30.47
C GLN B 260 4.72 -15.37 29.42
N SER B 261 3.58 -15.97 29.79
CA SER B 261 2.80 -16.76 28.86
C SER B 261 2.12 -15.91 27.78
N LEU B 262 1.94 -14.62 28.04
CA LEU B 262 1.27 -13.74 27.08
C LEU B 262 2.23 -13.09 26.10
N ARG B 263 3.54 -13.14 26.37
CA ARG B 263 4.53 -12.71 25.38
C ARG B 263 4.49 -13.69 24.21
N LEU B 264 4.24 -13.17 23.01
CA LEU B 264 4.04 -14.03 21.85
C LEU B 264 5.27 -13.99 20.95
N PRO B 265 5.93 -15.11 20.69
CA PRO B 265 7.13 -15.09 19.84
C PRO B 265 6.78 -14.79 18.39
N ILE B 266 7.50 -13.85 17.79
CA ILE B 266 7.40 -13.56 16.37
C ILE B 266 8.80 -13.48 15.81
N GLU B 267 8.90 -13.63 14.48
CA GLU B 267 10.19 -13.54 13.82
C GLU B 267 9.99 -12.99 12.42
N TYR B 268 10.92 -12.14 12.00
CA TYR B 268 10.83 -11.50 10.69
C TYR B 268 12.07 -11.77 9.86
N TYR B 269 11.83 -11.84 8.54
CA TYR B 269 12.75 -12.32 7.53
C TYR B 269 12.91 -11.28 6.43
N ALA B 270 13.96 -11.47 5.65
CA ALA B 270 14.13 -10.83 4.35
C ALA B 270 13.95 -11.88 3.27
N TYR B 271 13.05 -11.62 2.32
CA TYR B 271 12.70 -12.54 1.26
C TYR B 271 13.14 -11.98 -0.09
N ARG B 272 13.51 -12.88 -0.99
CA ARG B 272 13.82 -12.52 -2.37
C ARG B 272 13.45 -13.68 -3.27
N TYR B 273 13.31 -13.37 -4.56
CA TYR B 273 12.96 -14.38 -5.56
C TYR B 273 14.05 -14.54 -6.62
N GLN B 274 14.60 -13.44 -7.12
CA GLN B 274 15.63 -13.52 -8.15
C GLN B 274 16.90 -14.12 -7.56
N ALA B 275 17.47 -15.10 -8.26
CA ALA B 275 18.74 -15.68 -7.84
C ALA B 275 19.91 -14.72 -8.02
N ARG B 276 19.72 -13.62 -8.73
CA ARG B 276 20.81 -12.71 -9.05
C ARG B 276 20.24 -11.31 -9.21
N LEU B 277 20.57 -10.42 -8.28
CA LEU B 277 20.20 -9.01 -8.34
C LEU B 277 21.36 -8.20 -8.90
N HIS B 278 21.07 -6.93 -9.20
CA HIS B 278 22.11 -5.99 -9.54
C HIS B 278 22.99 -5.74 -8.31
N PRO B 279 24.22 -5.28 -8.50
CA PRO B 279 25.17 -5.19 -7.37
C PRO B 279 24.62 -4.45 -6.15
N ALA B 280 23.88 -3.36 -6.34
CA ALA B 280 23.31 -2.65 -5.21
C ALA B 280 22.30 -3.52 -4.47
N GLY B 281 21.46 -4.25 -5.21
CA GLY B 281 20.51 -5.14 -4.57
C GLY B 281 21.19 -6.24 -3.78
N GLU B 282 22.28 -6.79 -4.31
CA GLU B 282 23.00 -7.83 -3.58
C GLU B 282 23.70 -7.27 -2.35
N LYS B 283 24.19 -6.03 -2.42
CA LYS B 283 24.77 -5.42 -1.22
C LYS B 283 23.70 -5.19 -0.15
N VAL B 284 22.51 -4.76 -0.56
CA VAL B 284 21.41 -4.61 0.39
C VAL B 284 21.06 -5.95 1.01
N TRP B 285 21.01 -7.00 0.18
CA TRP B 285 20.69 -8.34 0.69
C TRP B 285 21.75 -8.80 1.69
N SER B 286 23.03 -8.54 1.40
CA SER B 286 24.08 -8.94 2.32
C SER B 286 24.01 -8.16 3.63
N ILE B 287 23.72 -6.86 3.55
CA ILE B 287 23.60 -6.05 4.76
C ILE B 287 22.42 -6.54 5.60
N LEU B 288 21.33 -6.94 4.94
CA LEU B 288 20.21 -7.53 5.67
C LEU B 288 20.63 -8.83 6.35
N CYS B 289 21.31 -9.71 5.61
CA CYS B 289 21.75 -10.98 6.18
C CYS B 289 22.79 -10.79 7.28
N ASN B 290 23.41 -9.62 7.36
CA ASN B 290 24.41 -9.34 8.39
C ASN B 290 23.99 -8.24 9.36
N LEU B 291 22.71 -7.87 9.38
CA LEU B 291 22.24 -6.89 10.35
C LEU B 291 22.33 -7.44 11.76
N ASP B 292 23.24 -6.90 12.57
CA ASP B 292 23.42 -7.37 13.93
C ASP B 292 22.37 -6.76 14.86
#